data_2C4X
#
_entry.id   2C4X
#
_cell.length_a   86.899
_cell.length_b   86.899
_cell.length_c   108.242
_cell.angle_alpha   90.00
_cell.angle_beta   90.00
_cell.angle_gamma   90.00
#
_symmetry.space_group_name_H-M   'P 43 21 2'
#
loop_
_entity.id
_entity.type
_entity.pdbx_description
1 polymer ENDOGLUCANASE
2 non-polymer 'CALCIUM ION'
3 non-polymer 1,2-ETHANEDIOL
4 water water
#
_entity_poly.entity_id   1
_entity_poly.type   'polypeptide(L)'
_entity_poly.pdbx_seq_one_letter_code
;(MSE)ASVPENQAPKAIFTFSPEDPVTDENVVFNASNSIDEDGTIAYYVWDFGDGYEGTSTTPTITYKYKNPGTYKVKLI
VTDNQGASSSFTATIKVTSATGDNSKFNFEDGTLGGFTTSGTNATGVVVNTTEKAFKGERGLKWTVTSEGEGTAELKLDG
GTIVVPGTT(MSE)TFRIWIPSGAPIAAIQPYI(MSE)PHTPDWSEVLWNSTWKGYT(MSE)VKTDDWNEITLTLPEDVD
PTWPQQ(MSE)GIQVQTIDEGEFTIYVDAIDWLEHHHHHH
;
_entity_poly.pdbx_strand_id   A
#
loop_
_chem_comp.id
_chem_comp.type
_chem_comp.name
_chem_comp.formula
CA non-polymer 'CALCIUM ION' 'Ca 2'
EDO non-polymer 1,2-ETHANEDIOL 'C2 H6 O2'
#
# COMPACT_ATOMS: atom_id res chain seq x y z
N PRO A 5 10.59 24.24 45.27
CA PRO A 5 10.65 24.70 43.88
C PRO A 5 10.79 23.55 42.88
N GLU A 6 9.78 22.67 42.85
CA GLU A 6 9.82 21.39 42.12
C GLU A 6 10.24 21.47 40.65
N ASN A 7 11.23 20.65 40.28
CA ASN A 7 11.72 20.60 38.90
C ASN A 7 10.64 20.15 37.89
N GLN A 8 10.44 20.94 36.84
CA GLN A 8 9.56 20.55 35.74
C GLN A 8 10.31 19.61 34.79
N ALA A 9 9.63 18.53 34.39
CA ALA A 9 10.18 17.61 33.40
C ALA A 9 10.21 18.28 32.03
N PRO A 10 11.24 18.00 31.21
CA PRO A 10 11.35 18.66 29.93
C PRO A 10 10.24 18.19 28.97
N LYS A 11 10.04 18.90 27.88
CA LYS A 11 9.07 18.47 26.87
C LYS A 11 9.79 17.81 25.69
N ALA A 12 9.36 16.60 25.37
CA ALA A 12 9.97 15.78 24.34
C ALA A 12 9.08 15.76 23.10
N ILE A 13 9.69 16.03 21.95
CA ILE A 13 8.96 16.01 20.68
C ILE A 13 9.99 15.87 19.58
N PHE A 14 9.61 15.20 18.50
CA PHE A 14 10.44 15.18 17.32
C PHE A 14 9.63 15.06 16.04
N THR A 15 10.25 15.47 14.94
CA THR A 15 9.76 15.21 13.59
C THR A 15 10.87 14.47 12.84
N PHE A 16 10.56 13.94 11.65
CA PHE A 16 11.58 13.30 10.83
C PHE A 16 11.37 13.60 9.35
N SER A 17 12.44 13.45 8.58
CA SER A 17 12.43 13.68 7.15
C SER A 17 13.42 12.69 6.51
N PRO A 18 13.04 12.05 5.38
CA PRO A 18 11.74 12.17 4.70
C PRO A 18 10.62 11.46 5.45
N GLU A 19 9.38 11.83 5.15
CA GLU A 19 8.20 11.21 5.75
C GLU A 19 8.05 9.73 5.37
N ASP A 20 8.47 9.41 4.15
CA ASP A 20 8.29 8.10 3.53
C ASP A 20 9.61 7.50 3.05
N PRO A 21 10.51 7.15 4.00
CA PRO A 21 11.83 6.67 3.58
C PRO A 21 11.82 5.28 2.95
N VAL A 22 12.86 4.97 2.18
CA VAL A 22 13.08 3.60 1.73
C VAL A 22 14.23 2.98 2.54
N THR A 23 14.42 1.67 2.37
CA THR A 23 15.49 1.00 3.06
C THR A 23 16.83 1.61 2.66
N ASP A 24 17.68 1.77 3.67
CA ASP A 24 19.05 2.29 3.55
C ASP A 24 19.13 3.77 3.12
N GLU A 25 18.01 4.47 3.21
CA GLU A 25 17.98 5.92 2.99
C GLU A 25 18.11 6.61 4.34
N ASN A 26 18.92 7.66 4.40
CA ASN A 26 19.02 8.43 5.63
C ASN A 26 17.74 9.16 6.00
N VAL A 27 17.33 8.98 7.25
CA VAL A 27 16.23 9.69 7.88
C VAL A 27 16.87 10.64 8.90
N VAL A 28 16.50 11.91 8.86
CA VAL A 28 16.97 12.83 9.87
C VAL A 28 15.87 13.01 10.90
N PHE A 29 16.13 12.62 12.14
CA PHE A 29 15.20 12.85 13.24
C PHE A 29 15.58 14.15 13.91
N ASN A 30 14.59 15.00 14.12
CA ASN A 30 14.84 16.35 14.61
C ASN A 30 14.02 16.63 15.87
N ALA A 31 14.68 16.59 17.02
CA ALA A 31 14.03 16.85 18.31
C ALA A 31 14.21 18.28 18.79
N SER A 32 14.49 19.20 17.87
CA SER A 32 14.89 20.57 18.23
C SER A 32 13.78 21.41 18.90
N ASN A 33 12.53 20.99 18.78
CA ASN A 33 11.47 21.67 19.52
C ASN A 33 11.26 21.16 20.93
N SER A 34 12.02 20.13 21.31
CA SER A 34 12.11 19.69 22.71
C SER A 34 12.71 20.82 23.54
N ILE A 35 12.24 20.97 24.77
CA ILE A 35 12.69 22.06 25.63
C ILE A 35 12.50 21.73 27.11
N ASP A 36 13.46 22.16 27.93
CA ASP A 36 13.25 22.20 29.35
C ASP A 36 12.93 23.63 29.73
N GLU A 37 11.77 23.83 30.35
CA GLU A 37 11.28 25.16 30.68
C GLU A 37 12.03 25.84 31.83
N ASP A 38 12.56 25.04 32.76
CA ASP A 38 13.21 25.59 33.96
C ASP A 38 14.67 25.16 34.09
N GLY A 39 15.25 24.70 32.99
CA GLY A 39 16.64 24.25 32.99
C GLY A 39 17.10 24.05 31.57
N THR A 40 17.91 23.02 31.35
CA THR A 40 18.40 22.68 30.02
C THR A 40 18.28 21.18 29.78
N ILE A 41 18.22 20.77 28.51
CA ILE A 41 18.21 19.35 28.18
C ILE A 41 19.66 18.85 28.18
N ALA A 42 19.91 17.79 28.93
CA ALA A 42 21.25 17.18 28.99
C ALA A 42 21.49 16.21 27.84
N TYR A 43 20.50 15.40 27.50
CA TYR A 43 20.68 14.45 26.41
C TYR A 43 19.37 13.94 25.81
N TYR A 44 19.51 13.34 24.64
CA TYR A 44 18.42 12.78 23.84
C TYR A 44 18.75 11.33 23.65
N VAL A 45 17.81 10.45 24.01
CA VAL A 45 18.00 9.01 23.85
C VAL A 45 16.93 8.49 22.88
N TRP A 46 17.37 7.77 21.85
CA TRP A 46 16.50 7.31 20.77
C TRP A 46 16.44 5.79 20.73
N ASP A 47 15.23 5.25 20.56
CA ASP A 47 15.04 3.84 20.27
C ASP A 47 14.40 3.81 18.89
N PHE A 48 15.12 3.25 17.92
CA PHE A 48 14.69 3.30 16.52
C PHE A 48 13.65 2.23 16.15
N GLY A 49 13.37 1.34 17.11
CA GLY A 49 12.35 0.31 16.97
C GLY A 49 12.78 -0.96 16.25
N ASP A 50 14.05 -1.05 15.86
CA ASP A 50 14.55 -2.18 15.07
C ASP A 50 15.59 -3.03 15.83
N GLY A 51 15.85 -2.67 17.08
CA GLY A 51 16.92 -3.32 17.86
C GLY A 51 18.07 -2.40 18.23
N TYR A 52 18.20 -1.27 17.51
CA TYR A 52 19.26 -0.29 17.76
C TYR A 52 18.74 0.92 18.53
N GLU A 53 19.64 1.53 19.30
CA GLU A 53 19.35 2.73 20.08
C GLU A 53 20.55 3.66 19.94
N GLY A 54 20.35 4.94 20.21
CA GLY A 54 21.44 5.91 20.19
C GLY A 54 21.16 7.10 21.07
N THR A 55 22.23 7.82 21.40
CA THR A 55 22.11 9.02 22.22
C THR A 55 22.84 10.19 21.54
N SER A 56 22.40 11.40 21.85
CA SER A 56 23.13 12.60 21.47
C SER A 56 22.93 13.69 22.52
N THR A 57 23.88 14.63 22.60
CA THR A 57 23.71 15.81 23.44
C THR A 57 23.09 16.95 22.61
N THR A 58 22.92 16.72 21.32
CA THR A 58 22.27 17.67 20.40
C THR A 58 20.98 17.06 19.83
N PRO A 59 20.00 17.91 19.43
CA PRO A 59 18.67 17.39 19.08
C PRO A 59 18.46 16.68 17.73
N THR A 60 19.46 16.63 16.86
CA THR A 60 19.27 15.86 15.63
C THR A 60 20.12 14.59 15.59
N ILE A 61 19.67 13.61 14.80
CA ILE A 61 20.39 12.36 14.60
C ILE A 61 19.93 11.82 13.26
N THR A 62 20.81 11.12 12.56
CA THR A 62 20.44 10.50 11.31
C THR A 62 20.54 8.97 11.44
N TYR A 63 19.68 8.27 10.71
CA TYR A 63 19.52 6.83 10.85
C TYR A 63 19.03 6.18 9.54
N LYS A 64 19.44 4.93 9.32
CA LYS A 64 19.03 4.14 8.15
C LYS A 64 18.43 2.82 8.61
N TYR A 65 17.30 2.43 8.01
CA TYR A 65 16.69 1.13 8.29
C TYR A 65 17.04 0.17 7.17
N LYS A 66 17.45 -1.04 7.54
CA LYS A 66 17.89 -1.98 6.52
C LYS A 66 16.74 -2.76 5.91
N ASN A 67 15.68 -2.99 6.69
CA ASN A 67 14.53 -3.76 6.23
C ASN A 67 13.27 -2.91 6.19
N PRO A 68 12.35 -3.25 5.27
CA PRO A 68 11.07 -2.53 5.28
C PRO A 68 10.23 -2.87 6.51
N GLY A 69 9.30 -1.99 6.85
CA GLY A 69 8.41 -2.24 7.96
C GLY A 69 7.95 -0.96 8.60
N THR A 70 7.15 -1.11 9.65
CA THR A 70 6.66 0.02 10.43
C THR A 70 7.33 -0.03 11.80
N TYR A 71 8.06 1.03 12.12
CA TYR A 71 8.86 1.11 13.33
C TYR A 71 8.32 2.17 14.30
N LYS A 72 8.30 1.84 15.59
CA LYS A 72 7.98 2.82 16.63
C LYS A 72 9.28 3.45 17.13
N VAL A 73 9.41 4.76 16.94
CA VAL A 73 10.60 5.49 17.36
C VAL A 73 10.25 6.23 18.63
N LYS A 74 10.95 5.89 19.71
CA LYS A 74 10.75 6.53 21.00
C LYS A 74 11.92 7.45 21.33
N LEU A 75 11.60 8.70 21.64
CA LEU A 75 12.60 9.64 22.11
C LEU A 75 12.39 9.89 23.59
N ILE A 76 13.46 9.80 24.37
CA ILE A 76 13.47 10.26 25.74
C ILE A 76 14.44 11.44 25.87
N VAL A 77 13.93 12.52 26.44
CA VAL A 77 14.69 13.73 26.67
C VAL A 77 14.89 13.88 28.17
N THR A 78 16.13 14.13 28.60
CA THR A 78 16.45 14.23 30.01
C THR A 78 17.08 15.59 30.28
N ASP A 79 16.60 16.25 31.32
CA ASP A 79 17.11 17.58 31.69
C ASP A 79 18.34 17.51 32.62
N ASN A 80 18.87 18.69 32.97
CA ASN A 80 20.05 18.84 33.82
C ASN A 80 19.90 18.28 35.25
N GLN A 81 18.66 18.03 35.66
CA GLN A 81 18.37 17.49 36.98
C GLN A 81 17.90 16.03 36.96
N GLY A 82 17.96 15.39 35.79
CA GLY A 82 17.62 13.98 35.65
C GLY A 82 16.16 13.61 35.44
N ALA A 83 15.28 14.62 35.27
CA ALA A 83 13.88 14.36 34.92
C ALA A 83 13.75 14.17 33.41
N SER A 84 12.81 13.32 33.01
CA SER A 84 12.66 13.00 31.60
C SER A 84 11.21 12.91 31.13
N SER A 85 11.04 13.07 29.81
CA SER A 85 9.77 12.88 29.12
C SER A 85 10.04 12.05 27.88
N SER A 86 9.01 11.37 27.39
CA SER A 86 9.12 10.61 26.17
C SER A 86 8.06 10.99 25.15
N PHE A 87 8.41 10.84 23.88
CA PHE A 87 7.53 11.08 22.73
C PHE A 87 7.79 9.92 21.77
N THR A 88 6.72 9.25 21.34
CA THR A 88 6.83 8.12 20.42
C THR A 88 6.05 8.40 19.14
N ALA A 89 6.69 8.16 18.01
CA ALA A 89 6.00 8.28 16.73
C ALA A 89 6.36 7.08 15.86
N THR A 90 5.58 6.88 14.81
CA THR A 90 5.74 5.73 13.93
C THR A 90 6.36 6.16 12.60
N ILE A 91 7.29 5.34 12.08
CA ILE A 91 7.84 5.57 10.75
C ILE A 91 7.68 4.29 9.91
N LYS A 92 7.19 4.47 8.68
CA LYS A 92 7.08 3.36 7.74
C LYS A 92 8.19 3.42 6.70
N VAL A 93 8.89 2.30 6.55
CA VAL A 93 10.00 2.18 5.61
C VAL A 93 9.59 1.16 4.55
N THR A 94 9.76 1.54 3.29
CA THR A 94 9.41 0.65 2.18
C THR A 94 10.70 0.22 1.48
N SER A 95 10.61 -0.86 0.72
CA SER A 95 11.78 -1.44 0.04
C SER A 95 12.34 -0.48 -1.02
N ALA A 96 13.67 -0.32 -1.04
CA ALA A 96 14.32 0.56 -2.01
C ALA A 96 14.22 0.00 -3.42
N THR A 97 14.33 -1.32 -3.54
CA THR A 97 14.20 -2.02 -4.81
C THR A 97 13.36 -3.27 -4.58
N GLY A 98 12.88 -3.87 -5.65
CA GLY A 98 12.08 -5.08 -5.54
C GLY A 98 10.63 -4.82 -5.11
N ASP A 99 9.87 -5.90 -4.99
CA ASP A 99 8.44 -5.83 -4.71
C ASP A 99 8.07 -7.14 -4.02
N ASN A 100 7.79 -7.04 -2.71
CA ASN A 100 7.43 -8.20 -1.90
C ASN A 100 5.91 -8.39 -1.75
N SER A 101 5.14 -7.75 -2.64
CA SER A 101 3.68 -7.87 -2.65
C SER A 101 3.25 -9.31 -2.87
N LYS A 102 2.07 -9.64 -2.38
CA LYS A 102 1.43 -10.94 -2.64
C LYS A 102 1.38 -11.21 -4.15
N PHE A 103 0.99 -10.19 -4.92
CA PHE A 103 1.10 -10.25 -6.38
C PHE A 103 2.00 -9.12 -6.87
N ASN A 104 3.25 -9.48 -7.14
CA ASN A 104 4.31 -8.51 -7.42
C ASN A 104 4.80 -8.56 -8.86
N PHE A 105 4.51 -9.68 -9.52
CA PHE A 105 4.78 -9.91 -10.94
C PHE A 105 6.25 -9.83 -11.37
N GLU A 106 7.16 -9.94 -10.39
CA GLU A 106 8.60 -9.83 -10.64
C GLU A 106 9.21 -11.10 -11.24
N ASP A 107 8.47 -12.20 -11.24
CA ASP A 107 8.94 -13.45 -11.85
C ASP A 107 8.63 -13.54 -13.35
N GLY A 108 7.99 -12.50 -13.89
CA GLY A 108 7.71 -12.41 -15.33
C GLY A 108 6.42 -13.11 -15.76
N THR A 109 5.72 -13.66 -14.78
CA THR A 109 4.54 -14.51 -14.97
C THR A 109 3.25 -13.66 -14.90
N LEU A 110 2.14 -14.24 -15.33
CA LEU A 110 0.83 -13.62 -15.16
C LEU A 110 0.25 -13.83 -13.76
N GLY A 111 0.91 -14.68 -12.97
CA GLY A 111 0.47 -15.04 -11.63
C GLY A 111 -0.88 -15.74 -11.58
N GLY A 112 -1.24 -16.40 -12.68
CA GLY A 112 -2.54 -17.07 -12.77
C GLY A 112 -3.67 -16.21 -13.30
N PHE A 113 -3.40 -14.92 -13.52
CA PHE A 113 -4.41 -13.99 -14.03
C PHE A 113 -4.81 -14.24 -15.49
N THR A 114 -6.12 -14.13 -15.75
CA THR A 114 -6.67 -14.32 -17.10
C THR A 114 -7.60 -13.17 -17.43
N THR A 115 -8.09 -13.12 -18.67
CA THR A 115 -9.04 -12.08 -19.05
C THR A 115 -10.36 -12.66 -19.57
N SER A 116 -11.42 -11.88 -19.44
CA SER A 116 -12.68 -12.18 -20.10
C SER A 116 -13.44 -10.87 -20.32
N GLY A 117 -14.50 -10.93 -21.10
CA GLY A 117 -15.29 -9.74 -21.33
C GLY A 117 -16.43 -9.99 -22.27
N THR A 118 -17.36 -9.04 -22.27
CA THR A 118 -18.53 -9.11 -23.13
C THR A 118 -18.69 -7.71 -23.75
N ASN A 119 -18.83 -7.68 -25.09
CA ASN A 119 -18.74 -6.46 -25.89
C ASN A 119 -17.38 -5.77 -25.71
N ALA A 120 -16.44 -6.54 -25.17
CA ALA A 120 -15.05 -6.11 -24.97
C ALA A 120 -14.14 -7.33 -24.92
N THR A 121 -12.91 -7.16 -25.39
CA THR A 121 -11.89 -8.19 -25.33
C THR A 121 -10.64 -7.64 -24.66
N GLY A 122 -10.11 -8.41 -23.72
CA GLY A 122 -8.90 -8.02 -23.02
C GLY A 122 -7.74 -8.94 -23.31
N VAL A 123 -6.55 -8.35 -23.33
CA VAL A 123 -5.31 -9.12 -23.34
C VAL A 123 -4.47 -8.61 -22.17
N VAL A 124 -3.75 -9.52 -21.52
CA VAL A 124 -2.87 -9.15 -20.43
C VAL A 124 -1.47 -9.73 -20.62
N VAL A 125 -0.46 -8.90 -20.40
CA VAL A 125 0.94 -9.35 -20.45
C VAL A 125 1.69 -8.84 -19.21
N ASN A 126 2.75 -9.56 -18.86
CA ASN A 126 3.71 -9.07 -17.87
C ASN A 126 4.67 -8.08 -18.53
N THR A 127 4.75 -6.88 -17.96
CA THR A 127 5.42 -5.74 -18.61
C THR A 127 6.48 -5.08 -17.74
N THR A 128 7.46 -4.44 -18.38
CA THR A 128 8.41 -3.57 -17.70
C THR A 128 8.13 -2.10 -18.02
N GLU A 129 7.11 -1.84 -18.84
CA GLU A 129 6.79 -0.48 -19.30
C GLU A 129 6.37 0.45 -18.15
N LYS A 130 5.51 -0.07 -17.28
CA LYS A 130 5.11 0.60 -16.05
C LYS A 130 5.00 -0.41 -14.93
N ALA A 131 5.46 -0.02 -13.74
CA ALA A 131 5.27 -0.83 -12.53
C ALA A 131 5.06 0.11 -11.36
N PHE A 132 4.34 -0.36 -10.35
CA PHE A 132 4.15 0.42 -9.13
C PHE A 132 5.32 0.20 -8.18
N LYS A 133 5.75 -1.05 -8.07
CA LYS A 133 6.93 -1.42 -7.28
C LYS A 133 7.73 -2.46 -8.04
N GLY A 134 9.04 -2.39 -7.93
CA GLY A 134 9.91 -3.31 -8.63
C GLY A 134 10.00 -2.93 -10.09
N GLU A 135 10.37 -3.90 -10.92
CA GLU A 135 10.57 -3.62 -12.33
C GLU A 135 9.39 -4.03 -13.20
N ARG A 136 8.46 -4.81 -12.66
CA ARG A 136 7.42 -5.43 -13.47
C ARG A 136 6.00 -5.30 -12.90
N GLY A 137 5.02 -5.46 -13.78
CA GLY A 137 3.61 -5.49 -13.39
C GLY A 137 2.83 -6.09 -14.54
N LEU A 138 1.51 -5.92 -14.51
CA LEU A 138 0.65 -6.37 -15.62
C LEU A 138 0.27 -5.20 -16.51
N LYS A 139 0.14 -5.50 -17.80
CA LYS A 139 -0.33 -4.54 -18.79
C LYS A 139 -1.57 -5.14 -19.42
N TRP A 140 -2.71 -4.49 -19.20
CA TRP A 140 -4.02 -5.02 -19.57
C TRP A 140 -4.63 -4.13 -20.63
N THR A 141 -4.70 -4.64 -21.85
CA THR A 141 -5.22 -3.85 -22.97
C THR A 141 -6.62 -4.34 -23.35
N VAL A 142 -7.58 -3.41 -23.29
CA VAL A 142 -8.98 -3.71 -23.57
C VAL A 142 -9.45 -3.02 -24.84
N THR A 143 -10.08 -3.80 -25.72
CA THR A 143 -10.72 -3.28 -26.91
C THR A 143 -12.23 -3.46 -26.73
N SER A 144 -12.94 -2.36 -26.48
CA SER A 144 -14.37 -2.45 -26.31
C SER A 144 -15.11 -2.10 -27.59
N GLU A 145 -16.24 -2.76 -27.79
CA GLU A 145 -17.05 -2.60 -28.98
C GLU A 145 -18.30 -1.79 -28.69
N GLY A 146 -18.42 -1.32 -27.45
CA GLY A 146 -19.56 -0.54 -27.01
C GLY A 146 -19.79 -0.70 -25.53
N GLU A 147 -21.06 -0.66 -25.12
CA GLU A 147 -21.43 -0.89 -23.73
C GLU A 147 -21.17 -2.35 -23.34
N GLY A 148 -20.22 -2.54 -22.45
CA GLY A 148 -19.89 -3.88 -21.99
C GLY A 148 -19.03 -3.86 -20.76
N THR A 149 -18.41 -5.01 -20.50
CA THR A 149 -17.67 -5.24 -19.29
C THR A 149 -16.42 -6.04 -19.66
N ALA A 150 -15.29 -5.76 -18.99
CA ALA A 150 -14.09 -6.56 -19.15
C ALA A 150 -13.50 -6.86 -17.78
N GLU A 151 -12.98 -8.07 -17.61
CA GLU A 151 -12.38 -8.48 -16.33
C GLU A 151 -10.92 -8.91 -16.50
N LEU A 152 -10.12 -8.60 -15.50
CA LEU A 152 -8.81 -9.19 -15.30
C LEU A 152 -8.92 -9.95 -13.98
N LYS A 153 -8.82 -11.27 -14.03
CA LYS A 153 -9.29 -12.09 -12.91
C LYS A 153 -8.39 -13.28 -12.56
N LEU A 154 -8.46 -13.69 -11.31
CA LEU A 154 -7.79 -14.86 -10.81
C LEU A 154 -8.86 -15.79 -10.22
N ASP A 155 -9.02 -16.98 -10.80
CA ASP A 155 -9.76 -18.05 -10.15
C ASP A 155 -8.70 -18.91 -9.46
N GLY A 156 -8.82 -19.07 -8.17
CA GLY A 156 -10.07 -18.95 -7.51
C GLY A 156 -10.25 -20.28 -6.85
N GLY A 157 -9.32 -20.55 -5.94
CA GLY A 157 -9.48 -21.47 -4.83
C GLY A 157 -9.61 -20.51 -3.65
N THR A 158 -8.87 -20.72 -2.57
CA THR A 158 -8.97 -19.77 -1.46
C THR A 158 -7.83 -18.75 -1.52
N ILE A 159 -8.15 -17.52 -1.92
CA ILE A 159 -7.14 -16.50 -2.12
C ILE A 159 -6.83 -15.77 -0.81
N VAL A 160 -7.87 -15.30 -0.12
CA VAL A 160 -7.72 -14.60 1.16
C VAL A 160 -8.68 -15.16 2.21
N VAL A 161 -8.30 -15.07 3.48
CA VAL A 161 -9.22 -15.43 4.56
C VAL A 161 -10.23 -14.28 4.74
N PRO A 162 -11.48 -14.62 5.11
CA PRO A 162 -12.47 -13.58 5.42
C PRO A 162 -11.97 -12.54 6.43
N GLY A 163 -12.26 -11.28 6.17
CA GLY A 163 -11.80 -10.18 7.03
C GLY A 163 -10.60 -9.43 6.48
N THR A 164 -9.99 -9.97 5.42
CA THR A 164 -8.74 -9.43 4.85
C THR A 164 -8.97 -8.19 4.00
N THR A 165 -8.15 -7.16 4.22
CA THR A 165 -8.16 -6.00 3.35
C THR A 165 -7.05 -6.13 2.31
N MSE A 166 -7.45 -6.13 1.04
CA MSE A 166 -6.52 -6.17 -0.08
C MSE A 166 -6.29 -4.75 -0.60
O MSE A 166 -7.22 -3.94 -0.63
CB MSE A 166 -7.10 -7.00 -1.22
CG MSE A 166 -7.20 -8.49 -0.95
SE MSE A 166 -8.73 -9.27 -1.92
CE MSE A 166 -10.10 -8.83 -0.57
N THR A 167 -5.05 -4.47 -1.01
CA THR A 167 -4.70 -3.21 -1.66
C THR A 167 -4.30 -3.46 -3.11
N PHE A 168 -4.99 -2.80 -4.04
CA PHE A 168 -4.70 -2.87 -5.47
C PHE A 168 -4.03 -1.57 -5.90
N ARG A 169 -3.08 -1.65 -6.83
CA ARG A 169 -2.56 -0.47 -7.51
C ARG A 169 -2.87 -0.55 -9.01
N ILE A 170 -3.58 0.46 -9.51
CA ILE A 170 -4.10 0.44 -10.87
C ILE A 170 -3.79 1.75 -11.56
N TRP A 171 -3.06 1.68 -12.65
CA TRP A 171 -2.75 2.85 -13.47
C TRP A 171 -3.86 2.99 -14.52
N ILE A 172 -4.63 4.06 -14.41
CA ILE A 172 -5.78 4.26 -15.30
C ILE A 172 -5.52 5.42 -16.26
N PRO A 173 -5.65 5.17 -17.59
CA PRO A 173 -5.38 6.22 -18.58
C PRO A 173 -6.57 7.15 -18.79
N SER A 174 -6.28 8.36 -19.30
CA SER A 174 -7.30 9.35 -19.60
C SER A 174 -7.84 9.15 -21.02
N GLY A 175 -9.03 9.70 -21.27
CA GLY A 175 -9.68 9.59 -22.58
C GLY A 175 -10.09 8.18 -22.96
N ALA A 176 -10.37 7.35 -21.96
CA ALA A 176 -10.80 5.96 -22.17
C ALA A 176 -12.32 5.87 -22.20
N PRO A 177 -12.88 4.95 -23.02
CA PRO A 177 -14.33 4.76 -23.09
C PRO A 177 -14.89 3.95 -21.91
N ILE A 178 -14.60 4.40 -20.69
CA ILE A 178 -15.04 3.65 -19.51
C ILE A 178 -15.91 4.49 -18.58
N ALA A 179 -16.87 3.82 -17.93
CA ALA A 179 -17.78 4.47 -16.99
C ALA A 179 -17.24 4.33 -15.56
N ALA A 180 -16.73 3.14 -15.27
CA ALA A 180 -16.31 2.79 -13.92
C ALA A 180 -15.27 1.68 -13.95
N ILE A 181 -14.56 1.56 -12.84
CA ILE A 181 -13.61 0.49 -12.63
C ILE A 181 -13.80 -0.01 -11.20
N GLN A 182 -13.60 -1.31 -10.98
CA GLN A 182 -13.77 -1.85 -9.63
C GLN A 182 -12.98 -3.12 -9.35
N PRO A 183 -12.05 -3.06 -8.37
CA PRO A 183 -11.49 -4.29 -7.83
C PRO A 183 -12.63 -5.06 -7.16
N TYR A 184 -12.60 -6.38 -7.26
CA TYR A 184 -13.62 -7.20 -6.65
C TYR A 184 -13.07 -8.49 -6.13
N ILE A 185 -13.80 -9.06 -5.18
CA ILE A 185 -13.61 -10.44 -4.78
C ILE A 185 -14.98 -11.11 -4.70
N MSE A 186 -15.07 -12.26 -5.35
CA MSE A 186 -16.33 -12.94 -5.53
C MSE A 186 -16.23 -14.39 -5.03
O MSE A 186 -15.89 -15.29 -5.81
CB MSE A 186 -16.72 -12.88 -7.01
CG MSE A 186 -18.05 -13.52 -7.34
SE MSE A 186 -18.66 -13.16 -9.18
CE MSE A 186 -17.05 -13.69 -10.10
N PRO A 187 -16.48 -14.61 -3.73
CA PRO A 187 -16.67 -15.98 -3.23
C PRO A 187 -17.93 -16.61 -3.81
N HIS A 188 -17.88 -17.91 -4.05
CA HIS A 188 -19.01 -18.64 -4.60
C HIS A 188 -18.90 -20.08 -4.13
N THR A 189 -20.03 -20.79 -4.04
CA THR A 189 -20.02 -22.22 -3.86
C THR A 189 -19.34 -22.87 -5.08
N PRO A 190 -18.70 -24.03 -4.90
CA PRO A 190 -18.06 -24.72 -6.03
C PRO A 190 -18.93 -24.84 -7.28
N ASP A 191 -20.24 -25.07 -7.12
CA ASP A 191 -21.13 -25.21 -8.27
C ASP A 191 -21.79 -23.89 -8.75
N TRP A 192 -21.36 -22.75 -8.20
CA TRP A 192 -21.89 -21.41 -8.52
C TRP A 192 -23.39 -21.16 -8.21
N SER A 193 -23.99 -22.02 -7.40
CA SER A 193 -25.38 -21.85 -6.98
C SER A 193 -25.57 -20.61 -6.08
N GLU A 194 -24.51 -20.21 -5.38
CA GLU A 194 -24.53 -19.01 -4.55
C GLU A 194 -23.28 -18.21 -4.80
N VAL A 195 -23.45 -16.91 -5.03
CA VAL A 195 -22.36 -16.03 -5.37
C VAL A 195 -22.44 -14.78 -4.47
N LEU A 196 -21.29 -14.35 -3.95
CA LEU A 196 -21.24 -13.10 -3.16
C LEU A 196 -20.39 -12.08 -3.90
N TRP A 197 -20.90 -10.87 -4.01
CA TRP A 197 -20.19 -9.83 -4.72
C TRP A 197 -19.67 -8.77 -3.75
N ASN A 198 -18.35 -8.62 -3.72
CA ASN A 198 -17.68 -7.56 -2.96
C ASN A 198 -16.81 -6.77 -3.90
N SER A 199 -16.96 -5.44 -3.90
CA SER A 199 -16.17 -4.62 -4.81
C SER A 199 -15.97 -3.21 -4.28
N THR A 200 -14.99 -2.52 -4.84
CA THR A 200 -14.80 -1.10 -4.53
C THR A 200 -15.03 -0.30 -5.81
N TRP A 201 -16.27 0.17 -5.96
CA TRP A 201 -16.70 0.86 -7.16
C TRP A 201 -16.12 2.27 -7.22
N LYS A 202 -15.42 2.57 -8.32
CA LYS A 202 -14.89 3.92 -8.58
C LYS A 202 -15.39 4.39 -9.94
N GLY A 203 -16.10 5.52 -9.95
CA GLY A 203 -16.49 6.16 -11.20
C GLY A 203 -15.28 6.71 -11.91
N TYR A 204 -15.33 6.73 -13.24
CA TYR A 204 -14.20 7.20 -14.04
C TYR A 204 -13.83 8.67 -13.76
N THR A 205 -14.80 9.47 -13.34
CA THR A 205 -14.56 10.87 -12.99
C THR A 205 -13.93 11.02 -11.60
N MSE A 206 -14.01 9.98 -10.78
CA MSE A 206 -13.52 10.00 -9.41
C MSE A 206 -12.15 9.35 -9.29
O MSE A 206 -11.72 8.95 -8.20
CB MSE A 206 -14.49 9.25 -8.49
CG MSE A 206 -15.89 9.09 -9.05
SE MSE A 206 -17.19 8.40 -7.77
CE MSE A 206 -16.19 6.87 -7.03
N VAL A 207 -11.47 9.23 -10.42
CA VAL A 207 -10.23 8.48 -10.52
C VAL A 207 -9.09 9.40 -10.97
N LYS A 208 -7.88 9.14 -10.48
CA LYS A 208 -6.67 9.85 -10.95
C LYS A 208 -6.22 9.26 -12.27
N THR A 209 -6.49 9.97 -13.36
CA THR A 209 -6.14 9.51 -14.70
C THR A 209 -4.65 9.73 -15.00
N ASP A 210 -4.09 8.85 -15.82
CA ASP A 210 -2.66 8.81 -16.14
C ASP A 210 -1.78 8.77 -14.89
N ASP A 211 -2.22 8.00 -13.90
CA ASP A 211 -1.54 7.91 -12.61
C ASP A 211 -1.92 6.60 -11.91
N TRP A 212 -1.12 6.23 -10.91
CA TRP A 212 -1.41 5.07 -10.08
C TRP A 212 -2.49 5.39 -9.07
N ASN A 213 -3.49 4.50 -9.01
CA ASN A 213 -4.57 4.60 -8.04
C ASN A 213 -4.49 3.44 -7.07
N GLU A 214 -4.41 3.77 -5.78
CA GLU A 214 -4.40 2.78 -4.73
C GLU A 214 -5.82 2.61 -4.20
N ILE A 215 -6.38 1.42 -4.43
CA ILE A 215 -7.76 1.10 -4.06
C ILE A 215 -7.77 -0.12 -3.16
N THR A 216 -8.40 -0.01 -2.00
CA THR A 216 -8.52 -1.14 -1.08
C THR A 216 -9.88 -1.83 -1.17
N LEU A 217 -9.91 -3.08 -0.73
CA LEU A 217 -11.12 -3.89 -0.74
C LEU A 217 -11.07 -4.89 0.41
N THR A 218 -12.13 -4.96 1.20
CA THR A 218 -12.21 -5.94 2.29
C THR A 218 -13.17 -7.09 1.97
N LEU A 219 -12.67 -8.32 2.09
CA LEU A 219 -13.54 -9.49 2.10
C LEU A 219 -14.19 -9.56 3.48
N PRO A 220 -15.53 -9.45 3.56
CA PRO A 220 -16.19 -9.44 4.88
C PRO A 220 -15.93 -10.69 5.73
N GLU A 221 -15.91 -10.48 7.04
CA GLU A 221 -15.62 -11.55 8.00
C GLU A 221 -16.59 -12.74 8.00
N ASP A 222 -17.83 -12.52 7.57
CA ASP A 222 -18.87 -13.56 7.62
C ASP A 222 -18.93 -14.50 6.41
N VAL A 223 -18.02 -14.31 5.45
CA VAL A 223 -17.91 -15.18 4.29
C VAL A 223 -17.42 -16.57 4.70
N ASP A 224 -18.03 -17.62 4.13
CA ASP A 224 -17.54 -18.99 4.35
C ASP A 224 -16.09 -19.12 3.84
N PRO A 225 -15.16 -19.46 4.76
CA PRO A 225 -13.74 -19.55 4.36
C PRO A 225 -13.41 -20.68 3.37
N THR A 226 -14.32 -21.64 3.22
CA THR A 226 -14.09 -22.79 2.34
C THR A 226 -14.52 -22.55 0.89
N TRP A 227 -15.26 -21.46 0.64
CA TRP A 227 -15.78 -21.16 -0.70
C TRP A 227 -14.64 -20.72 -1.60
N PRO A 228 -14.56 -21.31 -2.82
CA PRO A 228 -13.59 -20.80 -3.78
C PRO A 228 -13.89 -19.32 -4.10
N GLN A 229 -12.86 -18.58 -4.50
CA GLN A 229 -12.97 -17.14 -4.69
C GLN A 229 -12.41 -16.72 -6.04
N GLN A 230 -13.11 -15.80 -6.70
CA GLN A 230 -12.55 -15.10 -7.85
C GLN A 230 -12.20 -13.68 -7.42
N MSE A 231 -10.94 -13.29 -7.60
CA MSE A 231 -10.51 -11.92 -7.35
C MSE A 231 -10.15 -11.27 -8.69
O MSE A 231 -9.57 -11.91 -9.56
CB MSE A 231 -9.32 -11.92 -6.40
CG MSE A 231 -8.79 -10.54 -6.00
SE MSE A 231 -7.16 -10.69 -4.84
CE MSE A 231 -5.87 -11.11 -6.20
N GLY A 232 -10.47 -9.99 -8.86
CA GLY A 232 -10.02 -9.32 -10.07
C GLY A 232 -10.33 -7.85 -10.12
N ILE A 233 -10.21 -7.29 -11.33
CA ILE A 233 -10.61 -5.93 -11.60
C ILE A 233 -11.59 -5.97 -12.76
N GLN A 234 -12.72 -5.29 -12.59
CA GLN A 234 -13.72 -5.16 -13.63
C GLN A 234 -13.78 -3.71 -14.12
N VAL A 235 -13.88 -3.56 -15.45
CA VAL A 235 -14.10 -2.26 -16.08
C VAL A 235 -15.44 -2.27 -16.82
N GLN A 236 -16.23 -1.21 -16.64
CA GLN A 236 -17.45 -1.02 -17.42
C GLN A 236 -17.13 -0.08 -18.59
N THR A 237 -17.38 -0.54 -19.80
CA THR A 237 -17.12 0.25 -21.00
C THR A 237 -18.42 0.85 -21.53
N ILE A 238 -18.32 2.05 -22.10
CA ILE A 238 -19.50 2.78 -22.54
C ILE A 238 -19.52 3.11 -24.03
N ASP A 239 -18.38 2.94 -24.69
CA ASP A 239 -18.25 3.19 -26.12
C ASP A 239 -17.15 2.33 -26.73
N GLU A 240 -17.02 2.37 -28.05
CA GLU A 240 -15.91 1.74 -28.76
C GLU A 240 -14.59 2.41 -28.39
N GLY A 241 -13.51 1.63 -28.44
CA GLY A 241 -12.17 2.18 -28.18
C GLY A 241 -11.22 1.17 -27.56
N GLU A 242 -9.93 1.47 -27.68
CA GLU A 242 -8.88 0.65 -27.09
C GLU A 242 -8.13 1.46 -26.02
N PHE A 243 -7.90 0.83 -24.88
CA PHE A 243 -7.21 1.47 -23.75
C PHE A 243 -6.38 0.47 -22.95
N THR A 244 -5.36 0.97 -22.25
CA THR A 244 -4.45 0.11 -21.51
C THR A 244 -4.37 0.49 -20.04
N ILE A 245 -4.68 -0.50 -19.20
CA ILE A 245 -4.62 -0.35 -17.75
C ILE A 245 -3.41 -1.13 -17.25
N TYR A 246 -2.72 -0.59 -16.26
CA TYR A 246 -1.61 -1.28 -15.62
C TYR A 246 -2.00 -1.65 -14.19
N VAL A 247 -1.59 -2.84 -13.78
CA VAL A 247 -1.93 -3.40 -12.47
C VAL A 247 -0.68 -4.00 -11.85
N ASP A 248 -0.42 -3.67 -10.58
CA ASP A 248 0.77 -4.17 -9.91
C ASP A 248 0.60 -4.12 -8.42
N ALA A 249 1.41 -4.92 -7.72
CA ALA A 249 1.57 -4.82 -6.28
C ALA A 249 0.26 -4.98 -5.51
N ILE A 250 -0.53 -5.97 -5.91
CA ILE A 250 -1.71 -6.36 -5.13
C ILE A 250 -1.21 -7.05 -3.86
N ASP A 251 -1.66 -6.55 -2.72
CA ASP A 251 -1.05 -6.92 -1.45
C ASP A 251 -2.05 -6.99 -0.30
N TRP A 252 -1.74 -7.85 0.66
CA TRP A 252 -2.50 -7.96 1.91
C TRP A 252 -1.63 -8.61 2.96
N LEU A 253 -2.12 -8.60 4.20
CA LEU A 253 -1.40 -9.17 5.34
C LEU A 253 -1.83 -10.59 5.68
N GLU A 254 -0.86 -11.39 6.11
CA GLU A 254 -1.04 -12.77 6.59
C GLU A 254 -1.17 -13.77 5.44
CA CA B . 13.67 20.81 34.23
CA CA C . 5.88 -5.25 -9.31
C1 EDO D . -21.55 -6.49 -11.35
O1 EDO D . -20.93 -7.60 -12.03
C2 EDO D . -22.13 -6.98 -10.03
O2 EDO D . -23.01 -5.99 -9.45
C1 EDO E . 3.61 -14.29 -9.73
O1 EDO E . 3.75 -13.41 -10.87
C2 EDO E . 2.83 -13.59 -8.63
O2 EDO E . 3.36 -12.29 -8.43
C1 EDO F . -17.58 -11.13 -13.96
O1 EDO F . -16.36 -11.77 -13.59
C2 EDO F . -18.43 -10.86 -12.73
O2 EDO F . -19.45 -9.90 -13.04
#